data_9IB5
#
_entry.id   9IB5
#
_cell.length_a   85.639
_cell.length_b   40.784
_cell.length_c   56.002
_cell.angle_alpha   90.00
_cell.angle_beta   90.00
_cell.angle_gamma   90.00
#
_symmetry.space_group_name_H-M   'P 21 21 2'
#
loop_
_entity.id
_entity.type
_entity.pdbx_description
1 polymer 'GTPase KRas'
2 non-polymer "GUANOSINE-5'-DIPHOSPHATE"
3 non-polymer 'MAGNESIUM ION'
4 non-polymer 1,2-ETHANEDIOL
5 non-polymer "(7~{S})-2'-azanyl-3-[2-[(2~{S})-2-methylpiperazin-1-yl]pyrimidin-4-yl]spiro[5,6-dihydro-4~{H}-1,2-benzoxazole-7,4'-6,7-dihydro-5~{H}-1-benzothiophene]-3'-carbonitrile"
6 water water
#
_entity_poly.entity_id   1
_entity_poly.type   'polypeptide(L)'
_entity_poly.pdbx_seq_one_letter_code
;GMTEYKLVVVGAGGVGKSALTIQLIQNHFVDEYDPTIEDSYRKQVVIDGETCLLDILDTAGQEEYSAMRDQYMRTGEGFL
CVFAINNTKSFEDIHHYREQIKRVKDSEDVPMVLVGNKSDLPSRTVDTKQAQDLARSYGIPFIETSAKTRQGVDDAFYTL
VREIRKHKEK
;
_entity_poly.pdbx_strand_id   A
#
loop_
_chem_comp.id
_chem_comp.type
_chem_comp.name
_chem_comp.formula
EDO non-polymer 1,2-ETHANEDIOL 'C2 H6 O2'
GDP RNA linking GUANOSINE-5'-DIPHOSPHATE 'C10 H15 N5 O11 P2'
MG non-polymer 'MAGNESIUM ION' 'Mg 2'
VU6 non-polymer (7~{S})-2'-azanyl-3-[2-[(2~{S})-2-methylpiperazin-1-yl]pyrimidin-4-yl]spiro[5,6-dihydro-4~{H}-1,2-benzoxazole-7,4'-6,7-dihydro-5~{H}-1-benzothiophene]-3'-carbonitrile 'C24 H27 N7 O S'
#
# COMPACT_ATOMS: atom_id res chain seq x y z
N GLY A 1 25.67 5.73 -1.79
CA GLY A 1 25.09 4.57 -1.15
C GLY A 1 23.71 4.29 -1.70
N MET A 2 23.16 3.15 -1.35
CA MET A 2 21.87 2.75 -1.88
C MET A 2 20.81 3.30 -0.94
N THR A 3 19.85 4.08 -1.45
CA THR A 3 18.80 4.65 -0.61
C THR A 3 17.79 3.57 -0.28
N GLU A 4 17.38 3.52 0.94
CA GLU A 4 16.32 2.64 1.39
C GLU A 4 15.07 3.47 1.56
N TYR A 5 13.94 2.90 1.09
CA TYR A 5 12.62 3.54 1.16
C TYR A 5 11.74 2.65 2.04
N LYS A 6 11.17 3.21 3.06
CA LYS A 6 10.33 2.50 3.99
C LYS A 6 8.87 2.72 3.62
N LEU A 7 8.27 1.70 3.07
CA LEU A 7 6.91 1.75 2.55
C LEU A 7 6.03 0.95 3.47
N VAL A 8 4.81 1.42 3.71
CA VAL A 8 3.86 0.72 4.61
C VAL A 8 2.62 0.48 3.82
N VAL A 9 2.10 -0.75 3.84
CA VAL A 9 0.90 -1.17 3.13
C VAL A 9 -0.21 -1.30 4.17
N VAL A 10 -1.28 -0.52 3.98
CA VAL A 10 -2.42 -0.50 4.91
C VAL A 10 -3.72 -0.67 4.17
N GLY A 11 -4.76 -1.02 4.90
CA GLY A 11 -6.06 -1.25 4.34
C GLY A 11 -6.76 -2.37 5.07
N ALA A 12 -8.04 -2.50 4.83
CA ALA A 12 -8.86 -3.47 5.53
C ALA A 12 -8.35 -4.86 5.38
N GLY A 13 -8.62 -5.71 6.38
CA GLY A 13 -8.30 -7.12 6.26
C GLY A 13 -8.92 -7.71 5.02
N GLY A 14 -8.18 -8.50 4.28
CA GLY A 14 -8.68 -9.17 3.10
C GLY A 14 -8.55 -8.45 1.80
N VAL A 15 -8.03 -7.24 1.77
CA VAL A 15 -7.94 -6.50 0.50
C VAL A 15 -6.83 -6.97 -0.40
N GLY A 16 -5.83 -7.63 0.16
CA GLY A 16 -4.70 -8.13 -0.62
C GLY A 16 -3.39 -7.42 -0.30
N LYS A 17 -3.24 -6.87 0.89
CA LYS A 17 -1.94 -6.29 1.29
C LYS A 17 -0.80 -7.30 1.20
N SER A 18 -1.03 -8.47 1.76
CA SER A 18 0.00 -9.51 1.72
C SER A 18 0.24 -10.01 0.32
N ALA A 19 -0.83 -10.26 -0.42
CA ALA A 19 -0.68 -10.74 -1.79
C ALA A 19 0.09 -9.73 -2.65
N LEU A 20 -0.19 -8.45 -2.48
CA LEU A 20 0.53 -7.44 -3.25
C LEU A 20 2.00 -7.42 -2.87
N THR A 21 2.26 -7.44 -1.57
CA THR A 21 3.65 -7.43 -1.10
C THR A 21 4.41 -8.64 -1.62
N ILE A 22 3.81 -9.84 -1.49
N ILE A 22 3.80 -9.82 -1.51
CA ILE A 22 4.47 -11.05 -1.90
CA ILE A 22 4.45 -11.04 -1.94
C ILE A 22 4.62 -11.12 -3.45
C ILE A 22 4.66 -11.05 -3.44
N GLN A 23 3.73 -10.50 -4.22
CA GLN A 23 3.95 -10.41 -5.65
C GLN A 23 5.20 -9.57 -5.89
N LEU A 24 5.35 -8.45 -5.20
CA LEU A 24 6.56 -7.65 -5.39
C LEU A 24 7.82 -8.43 -4.97
N ILE A 25 7.77 -9.12 -3.83
CA ILE A 25 8.95 -9.79 -3.28
C ILE A 25 9.28 -11.06 -4.00
N GLN A 26 8.33 -11.95 -4.19
CA GLN A 26 8.54 -13.26 -4.75
C GLN A 26 8.23 -13.35 -6.22
N ASN A 27 7.55 -12.39 -6.83
N ASN A 27 7.53 -12.38 -6.79
CA ASN A 27 7.07 -12.51 -8.23
CA ASN A 27 7.07 -12.44 -8.17
C ASN A 27 6.16 -13.75 -8.35
C ASN A 27 6.09 -13.64 -8.35
N HIS A 28 5.30 -13.94 -7.33
CA HIS A 28 4.36 -15.05 -7.28
C HIS A 28 3.11 -14.62 -6.57
N PHE A 29 1.96 -15.07 -7.09
CA PHE A 29 0.68 -14.82 -6.46
C PHE A 29 0.44 -15.87 -5.38
N VAL A 30 0.00 -15.41 -4.19
N VAL A 30 0.30 -15.45 -4.16
CA VAL A 30 -0.40 -16.28 -3.10
CA VAL A 30 0.04 -16.31 -3.04
C VAL A 30 -1.86 -16.06 -2.87
C VAL A 30 -1.43 -16.04 -2.59
N ASP A 31 -2.51 -17.07 -2.87
CA ASP A 31 -3.94 -17.03 -2.55
C ASP A 31 -4.16 -17.20 -1.07
N GLU A 32 -3.13 -17.54 -0.28
CA GLU A 32 -3.26 -17.78 1.13
C GLU A 32 -2.04 -17.28 1.83
N TYR A 33 -2.22 -16.42 2.82
CA TYR A 33 -1.14 -15.93 3.63
C TYR A 33 -1.71 -15.53 4.94
N ASP A 34 -1.25 -16.15 6.02
CA ASP A 34 -1.85 -15.96 7.37
C ASP A 34 -2.27 -14.52 7.58
N PRO A 35 -3.57 -14.23 7.66
N PRO A 35 -3.54 -14.25 7.86
CA PRO A 35 -4.00 -12.84 7.81
CA PRO A 35 -3.99 -12.86 7.92
C PRO A 35 -3.49 -12.11 9.06
C PRO A 35 -3.45 -12.10 9.08
N THR A 36 -2.93 -12.79 10.06
CA THR A 36 -2.42 -12.15 11.26
C THR A 36 -0.97 -11.74 11.13
N ILE A 37 -0.26 -12.19 10.09
CA ILE A 37 1.16 -11.90 10.03
C ILE A 37 1.39 -10.47 9.54
N GLU A 38 2.01 -9.65 10.40
CA GLU A 38 2.50 -8.34 10.06
C GLU A 38 4.02 -8.52 10.03
N ASP A 39 4.65 -8.16 8.92
CA ASP A 39 6.07 -8.28 8.84
C ASP A 39 6.61 -7.35 7.79
N SER A 40 7.94 -7.27 7.67
N SER A 40 7.90 -7.04 7.87
CA SER A 40 8.57 -6.43 6.68
CA SER A 40 8.61 -6.24 6.87
C SER A 40 9.48 -7.26 5.81
C SER A 40 9.46 -7.15 5.97
N TYR A 41 9.61 -6.80 4.62
CA TYR A 41 10.28 -7.53 3.58
C TYR A 41 11.07 -6.57 2.78
N ARG A 42 12.31 -6.90 2.41
CA ARG A 42 13.13 -6.01 1.61
C ARG A 42 13.39 -6.55 0.22
N LYS A 43 13.59 -5.66 -0.71
CA LYS A 43 13.94 -6.02 -2.07
C LYS A 43 14.70 -4.90 -2.71
N GLN A 44 15.74 -5.25 -3.48
CA GLN A 44 16.44 -4.29 -4.27
C GLN A 44 15.75 -4.19 -5.63
N VAL A 45 15.53 -2.99 -6.10
CA VAL A 45 14.86 -2.72 -7.39
C VAL A 45 15.50 -1.56 -8.06
N VAL A 46 15.39 -1.52 -9.40
CA VAL A 46 15.87 -0.38 -10.14
C VAL A 46 14.65 0.46 -10.46
N ILE A 47 14.67 1.71 -10.09
CA ILE A 47 13.60 2.66 -10.34
C ILE A 47 14.24 3.87 -10.93
N ASP A 48 13.88 4.19 -12.19
CA ASP A 48 14.43 5.31 -12.91
C ASP A 48 15.96 5.23 -12.97
N GLY A 49 16.47 4.01 -13.23
CA GLY A 49 17.91 3.77 -13.32
C GLY A 49 18.67 3.68 -12.01
N GLU A 50 18.03 3.98 -10.86
CA GLU A 50 18.69 3.98 -9.56
C GLU A 50 18.33 2.69 -8.84
N THR A 51 19.32 1.95 -8.35
CA THR A 51 19.04 0.74 -7.58
C THR A 51 18.74 1.23 -6.20
N CYS A 52 17.60 0.86 -5.66
CA CYS A 52 17.27 1.25 -4.30
C CYS A 52 16.73 0.05 -3.56
N LEU A 53 16.68 0.19 -2.25
CA LEU A 53 16.29 -0.87 -1.37
C LEU A 53 14.92 -0.55 -0.81
N LEU A 54 13.95 -1.37 -1.12
CA LEU A 54 12.61 -1.16 -0.57
C LEU A 54 12.47 -1.98 0.68
N ASP A 55 11.92 -1.39 1.70
CA ASP A 55 11.58 -2.09 2.93
C ASP A 55 10.06 -1.96 3.12
N ILE A 56 9.35 -3.01 2.89
CA ILE A 56 7.91 -2.96 2.84
C ILE A 56 7.31 -3.57 4.08
N LEU A 57 6.58 -2.78 4.85
CA LEU A 57 5.84 -3.27 6.01
C LEU A 57 4.43 -3.60 5.58
N ASP A 58 4.11 -4.87 5.62
CA ASP A 58 2.79 -5.42 5.33
C ASP A 58 2.05 -5.49 6.65
N THR A 59 1.13 -4.56 6.88
CA THR A 59 0.44 -4.47 8.17
C THR A 59 -0.66 -5.50 8.33
N ALA A 60 -1.00 -5.76 9.58
CA ALA A 60 -2.06 -6.71 9.88
C ALA A 60 -2.60 -6.42 11.28
N GLY A 61 -3.70 -7.09 11.61
CA GLY A 61 -4.21 -7.10 12.96
C GLY A 61 -5.13 -5.98 13.31
N GLN A 62 -5.52 -5.98 14.59
CA GLN A 62 -6.46 -5.02 15.11
C GLN A 62 -5.84 -3.66 15.29
N GLU A 63 -6.70 -2.64 15.40
CA GLU A 63 -6.26 -1.29 15.70
C GLU A 63 -5.52 -1.26 17.04
N GLU A 64 -4.46 -0.48 17.14
CA GLU A 64 -3.76 -0.28 18.41
C GLU A 64 -3.19 1.12 18.32
N TYR A 65 -3.68 2.03 19.16
CA TYR A 65 -3.26 3.41 19.11
C TYR A 65 -2.38 3.76 20.28
N SER A 66 -1.44 2.89 20.58
CA SER A 66 -0.45 3.16 21.60
C SER A 66 0.57 4.16 21.04
N ALA A 67 1.30 4.80 21.96
CA ALA A 67 2.40 5.67 21.57
C ALA A 67 3.48 4.83 20.83
N MET A 68 3.68 3.59 21.23
CA MET A 68 4.67 2.73 20.61
C MET A 68 4.30 2.40 19.18
N ARG A 69 3.03 2.05 18.92
CA ARG A 69 2.65 1.76 17.52
C ARG A 69 2.67 3.02 16.70
N ASP A 70 2.31 4.15 17.23
CA ASP A 70 2.36 5.40 16.52
C ASP A 70 3.80 5.74 16.13
N GLN A 71 4.75 5.56 17.08
CA GLN A 71 6.15 5.85 16.78
C GLN A 71 6.67 4.91 15.68
N TYR A 72 6.27 3.68 15.70
CA TYR A 72 6.63 2.71 14.67
C TYR A 72 6.08 3.11 13.31
N MET A 73 4.79 3.47 13.23
CA MET A 73 4.22 3.87 11.95
C MET A 73 4.81 5.17 11.42
N ARG A 74 5.28 6.03 12.31
CA ARG A 74 5.94 7.25 11.94
C ARG A 74 7.29 6.91 11.22
N THR A 75 7.86 5.71 11.37
CA THR A 75 9.07 5.27 10.61
C THR A 75 8.73 5.13 9.13
N GLY A 76 7.47 4.97 8.76
CA GLY A 76 7.08 4.85 7.37
C GLY A 76 7.28 6.15 6.62
N GLU A 77 7.87 6.08 5.46
CA GLU A 77 8.07 7.23 4.61
C GLU A 77 6.96 7.43 3.63
N GLY A 78 6.27 6.36 3.25
CA GLY A 78 5.17 6.46 2.31
C GLY A 78 4.23 5.30 2.54
N PHE A 79 2.98 5.48 2.18
CA PHE A 79 1.92 4.49 2.47
C PHE A 79 1.15 4.16 1.25
N LEU A 80 0.88 2.88 1.05
CA LEU A 80 -0.09 2.41 0.09
C LEU A 80 -1.39 2.18 0.84
N CYS A 81 -2.46 2.82 0.44
CA CYS A 81 -3.77 2.67 1.05
C CYS A 81 -4.56 1.82 0.11
N VAL A 82 -4.81 0.56 0.50
CA VAL A 82 -5.37 -0.45 -0.40
C VAL A 82 -6.81 -0.73 -0.06
N PHE A 83 -7.66 -0.77 -1.08
CA PHE A 83 -9.01 -1.33 -0.94
C PHE A 83 -9.15 -2.39 -2.03
N ALA A 84 -10.23 -3.16 -1.96
CA ALA A 84 -10.56 -4.14 -3.00
C ALA A 84 -11.76 -3.65 -3.79
N ILE A 85 -11.68 -3.73 -5.12
CA ILE A 85 -12.72 -3.13 -5.97
C ILE A 85 -14.06 -3.84 -5.84
N ASN A 86 -14.11 -5.00 -5.24
CA ASN A 86 -15.36 -5.74 -5.01
C ASN A 86 -15.79 -5.66 -3.54
N ASN A 87 -15.29 -4.72 -2.74
CA ASN A 87 -15.63 -4.64 -1.35
C ASN A 87 -15.79 -3.17 -0.98
N THR A 88 -17.05 -2.71 -0.95
CA THR A 88 -17.39 -1.33 -0.68
C THR A 88 -16.88 -0.88 0.67
N LYS A 89 -17.03 -1.73 1.69
CA LYS A 89 -16.61 -1.39 3.04
C LYS A 89 -15.10 -1.05 3.05
N SER A 90 -14.31 -1.83 2.30
CA SER A 90 -12.86 -1.56 2.29
C SER A 90 -12.56 -0.18 1.71
N PHE A 91 -13.34 0.23 0.72
CA PHE A 91 -13.18 1.57 0.12
C PHE A 91 -13.61 2.64 1.13
N GLU A 92 -14.72 2.41 1.80
CA GLU A 92 -15.22 3.35 2.79
C GLU A 92 -14.35 3.41 4.02
N ASP A 93 -13.44 2.45 4.24
CA ASP A 93 -12.47 2.55 5.32
C ASP A 93 -11.25 3.37 4.97
N ILE A 94 -11.03 3.67 3.69
CA ILE A 94 -9.79 4.35 3.29
C ILE A 94 -9.59 5.66 4.06
N HIS A 95 -10.67 6.44 4.25
CA HIS A 95 -10.51 7.73 4.94
C HIS A 95 -9.94 7.53 6.34
N HIS A 96 -10.31 6.45 7.01
CA HIS A 96 -9.76 6.17 8.35
C HIS A 96 -8.24 6.03 8.29
N TYR A 97 -7.77 5.19 7.35
CA TYR A 97 -6.31 5.00 7.21
C TYR A 97 -5.62 6.30 6.85
N ARG A 98 -6.17 7.05 5.93
CA ARG A 98 -5.60 8.36 5.49
C ARG A 98 -5.53 9.29 6.71
N GLU A 99 -6.58 9.33 7.52
CA GLU A 99 -6.60 10.21 8.67
C GLU A 99 -5.60 9.79 9.73
N GLN A 100 -5.42 8.49 9.94
CA GLN A 100 -4.44 8.03 10.87
C GLN A 100 -3.02 8.34 10.42
N ILE A 101 -2.77 8.22 9.11
CA ILE A 101 -1.46 8.57 8.58
C ILE A 101 -1.23 10.09 8.79
N LYS A 102 -2.16 10.93 8.40
CA LYS A 102 -2.04 12.41 8.58
C LYS A 102 -1.74 12.73 10.06
N ARG A 103 -2.41 12.00 10.98
CA ARG A 103 -2.25 12.23 12.42
C ARG A 103 -0.86 11.85 12.86
N VAL A 104 -0.41 10.64 12.52
CA VAL A 104 0.84 10.14 13.06
C VAL A 104 2.05 10.81 12.45
N LYS A 105 1.97 11.19 11.19
CA LYS A 105 3.04 11.91 10.52
C LYS A 105 2.95 13.41 10.78
N ASP A 106 1.85 13.90 11.40
CA ASP A 106 1.57 15.32 11.71
C ASP A 106 1.78 16.15 10.47
N SER A 107 1.19 15.71 9.38
CA SER A 107 1.36 16.37 8.10
C SER A 107 0.22 16.08 7.18
N GLU A 108 -0.24 17.08 6.45
CA GLU A 108 -1.22 16.90 5.41
C GLU A 108 -0.54 16.47 4.08
N ASP A 109 0.83 16.33 4.05
CA ASP A 109 1.57 16.01 2.86
C ASP A 109 2.47 14.80 3.12
N VAL A 110 1.88 13.63 3.18
CA VAL A 110 2.62 12.39 3.37
C VAL A 110 2.58 11.65 2.02
N PRO A 111 3.70 11.12 1.52
CA PRO A 111 3.67 10.32 0.33
C PRO A 111 2.69 9.13 0.44
N MET A 112 1.79 9.02 -0.49
CA MET A 112 0.72 8.05 -0.43
C MET A 112 0.22 7.73 -1.81
N VAL A 113 -0.26 6.51 -2.02
CA VAL A 113 -0.91 6.11 -3.24
C VAL A 113 -2.17 5.36 -2.86
N LEU A 114 -3.26 5.59 -3.55
CA LEU A 114 -4.50 4.86 -3.38
C LEU A 114 -4.48 3.69 -4.36
N VAL A 115 -4.73 2.47 -3.84
CA VAL A 115 -4.59 1.26 -4.62
C VAL A 115 -5.92 0.53 -4.63
N GLY A 116 -6.49 0.31 -5.82
CA GLY A 116 -7.69 -0.49 -5.97
C GLY A 116 -7.30 -1.87 -6.47
N ASN A 117 -7.28 -2.83 -5.56
CA ASN A 117 -6.80 -4.16 -5.83
C ASN A 117 -7.93 -5.10 -6.19
N LYS A 118 -7.55 -6.26 -6.69
CA LYS A 118 -8.45 -7.33 -7.18
C LYS A 118 -9.09 -6.90 -8.50
N SER A 119 -8.35 -6.17 -9.31
CA SER A 119 -8.86 -5.69 -10.60
C SER A 119 -9.10 -6.79 -11.61
N ASP A 120 -8.63 -7.99 -11.35
CA ASP A 120 -8.87 -9.14 -12.20
C ASP A 120 -10.27 -9.72 -11.95
N LEU A 121 -10.97 -9.35 -10.87
CA LEU A 121 -12.24 -9.99 -10.51
C LEU A 121 -13.41 -9.29 -11.12
N PRO A 122 -14.48 -10.08 -11.44
CA PRO A 122 -15.65 -9.49 -12.09
C PRO A 122 -16.66 -8.83 -11.15
N SER A 123 -16.49 -8.98 -9.86
CA SER A 123 -17.50 -8.60 -8.89
C SER A 123 -17.41 -7.14 -8.43
N ARG A 124 -17.07 -6.20 -9.36
CA ARG A 124 -16.83 -4.82 -8.96
C ARG A 124 -18.01 -4.16 -8.29
N THR A 125 -17.81 -3.52 -7.17
CA THR A 125 -18.82 -2.72 -6.47
C THR A 125 -18.36 -1.27 -6.32
N VAL A 126 -17.06 -0.96 -6.48
CA VAL A 126 -16.55 0.38 -6.39
C VAL A 126 -16.17 0.83 -7.79
N ASP A 127 -16.86 1.86 -8.30
CA ASP A 127 -16.57 2.38 -9.62
C ASP A 127 -15.19 2.96 -9.68
N THR A 128 -14.47 2.80 -10.77
CA THR A 128 -13.19 3.46 -10.98
C THR A 128 -13.31 4.97 -10.83
N LYS A 129 -14.38 5.56 -11.35
CA LYS A 129 -14.54 7.00 -11.23
C LYS A 129 -14.54 7.47 -9.77
N GLN A 130 -15.23 6.77 -8.91
CA GLN A 130 -15.32 7.13 -7.50
C GLN A 130 -13.95 7.04 -6.86
N ALA A 131 -13.18 5.98 -7.21
CA ALA A 131 -11.83 5.86 -6.66
C ALA A 131 -10.89 6.94 -7.18
N GLN A 132 -10.95 7.24 -8.48
CA GLN A 132 -10.15 8.30 -9.05
C GLN A 132 -10.46 9.61 -8.38
N ASP A 133 -11.74 9.86 -8.14
CA ASP A 133 -12.16 11.09 -7.50
C ASP A 133 -11.70 11.20 -6.07
N LEU A 134 -11.63 10.08 -5.35
CA LEU A 134 -11.09 10.11 -3.98
C LEU A 134 -9.61 10.43 -4.01
N ALA A 135 -8.86 9.80 -4.90
CA ALA A 135 -7.45 10.13 -5.01
C ALA A 135 -7.28 11.63 -5.37
N ARG A 136 -8.15 12.15 -6.23
CA ARG A 136 -8.08 13.56 -6.58
C ARG A 136 -8.38 14.43 -5.35
N SER A 137 -9.37 14.05 -4.54
CA SER A 137 -9.66 14.78 -3.30
C SER A 137 -8.42 14.85 -2.39
N TYR A 138 -7.69 13.76 -2.30
CA TYR A 138 -6.47 13.69 -1.50
C TYR A 138 -5.22 14.28 -2.15
N GLY A 139 -5.26 14.49 -3.46
CA GLY A 139 -4.11 14.93 -4.21
C GLY A 139 -3.04 13.88 -4.35
N ILE A 140 -3.43 12.62 -4.54
CA ILE A 140 -2.50 11.51 -4.64
C ILE A 140 -2.80 10.67 -5.86
N PRO A 141 -1.82 9.84 -6.30
CA PRO A 141 -2.10 8.96 -7.42
C PRO A 141 -3.04 7.82 -7.02
N PHE A 142 -3.73 7.30 -8.01
CA PHE A 142 -4.57 6.10 -7.89
C PHE A 142 -4.04 5.08 -8.89
N ILE A 143 -3.84 3.84 -8.42
CA ILE A 143 -3.35 2.75 -9.26
C ILE A 143 -4.27 1.57 -9.07
N GLU A 144 -4.68 0.97 -10.21
CA GLU A 144 -5.48 -0.23 -10.24
C GLU A 144 -4.55 -1.43 -10.29
N THR A 145 -4.69 -2.36 -9.34
CA THR A 145 -3.80 -3.50 -9.26
C THR A 145 -4.53 -4.81 -9.23
N SER A 146 -3.77 -5.85 -9.55
CA SER A 146 -4.15 -7.21 -9.25
C SER A 146 -2.91 -7.91 -8.78
N ALA A 147 -2.95 -8.41 -7.56
CA ALA A 147 -1.87 -9.27 -7.06
C ALA A 147 -1.84 -10.59 -7.85
N LYS A 148 -2.97 -11.00 -8.40
CA LYS A 148 -3.03 -12.27 -9.12
C LYS A 148 -2.30 -12.21 -10.44
N THR A 149 -2.52 -11.15 -11.23
CA THR A 149 -1.95 -11.06 -12.56
C THR A 149 -0.73 -10.20 -12.64
N ARG A 150 -0.42 -9.46 -11.57
CA ARG A 150 0.64 -8.46 -11.50
C ARG A 150 0.28 -7.14 -12.03
N GLN A 151 -0.93 -6.96 -12.55
CA GLN A 151 -1.39 -5.67 -13.00
C GLN A 151 -1.11 -4.59 -11.95
N GLY A 152 -0.46 -3.54 -12.38
CA GLY A 152 -0.24 -2.39 -11.50
C GLY A 152 0.73 -2.53 -10.36
N VAL A 153 1.34 -3.66 -10.14
CA VAL A 153 2.07 -3.86 -8.88
C VAL A 153 3.32 -3.00 -8.81
N ASP A 154 4.14 -3.04 -9.84
CA ASP A 154 5.30 -2.12 -9.88
C ASP A 154 4.82 -0.69 -9.92
N ASP A 155 3.77 -0.38 -10.65
CA ASP A 155 3.29 0.98 -10.71
C ASP A 155 2.96 1.49 -9.30
N ALA A 156 2.29 0.70 -8.49
CA ALA A 156 1.90 1.15 -7.15
C ALA A 156 3.11 1.42 -6.29
N PHE A 157 4.02 0.45 -6.17
CA PHE A 157 5.18 0.61 -5.31
C PHE A 157 6.16 1.64 -5.84
N TYR A 158 6.41 1.65 -7.15
CA TYR A 158 7.36 2.58 -7.73
C TYR A 158 6.83 3.97 -7.70
N THR A 159 5.54 4.18 -7.90
CA THR A 159 4.98 5.51 -7.77
C THR A 159 5.16 6.03 -6.39
N LEU A 160 4.98 5.18 -5.38
CA LEU A 160 5.18 5.62 -4.02
C LEU A 160 6.60 6.04 -3.76
N VAL A 161 7.56 5.29 -4.28
CA VAL A 161 8.99 5.69 -4.17
C VAL A 161 9.21 7.04 -4.83
N ARG A 162 8.65 7.27 -5.99
CA ARG A 162 8.82 8.57 -6.68
C ARG A 162 8.18 9.68 -5.83
N GLU A 163 7.08 9.43 -5.18
CA GLU A 163 6.44 10.43 -4.30
C GLU A 163 7.34 10.73 -3.10
N ILE A 164 7.99 9.71 -2.53
CA ILE A 164 8.92 9.93 -1.41
C ILE A 164 10.10 10.75 -1.89
N ARG A 165 10.67 10.41 -3.03
CA ARG A 165 11.81 11.17 -3.57
C ARG A 165 11.44 12.64 -3.72
N LYS A 166 10.26 12.95 -4.26
CA LYS A 166 9.84 14.34 -4.47
C LYS A 166 9.62 15.04 -3.16
N HIS A 167 9.07 14.35 -2.16
CA HIS A 167 8.83 14.95 -0.83
C HIS A 167 10.14 15.34 -0.19
N LYS A 168 11.22 14.59 -0.43
CA LYS A 168 12.52 14.95 0.12
C LYS A 168 13.01 16.26 -0.52
PB GDP B . -4.64 -8.92 3.51
O1B GDP B . -5.49 -9.35 4.70
O2B GDP B . -3.17 -9.25 3.71
O3B GDP B . -4.93 -7.50 3.05
O3A GDP B . -5.12 -9.82 2.24
PA GDP B . -4.51 -11.15 1.62
O1A GDP B . -3.30 -10.86 0.82
O2A GDP B . -4.47 -12.15 2.71
O5' GDP B . -5.62 -11.52 0.53
C5' GDP B . -6.96 -11.82 0.99
C4' GDP B . -7.59 -12.72 -0.02
O4' GDP B . -7.76 -12.02 -1.28
C3' GDP B . -6.80 -13.99 -0.35
O3' GDP B . -7.49 -15.18 -0.71
C2' GDP B . -6.06 -13.61 -1.61
O2' GDP B . -5.62 -14.65 -2.50
C1' GDP B . -7.09 -12.73 -2.29
N9 GDP B . -6.49 -11.77 -3.19
C8 GDP B . -5.57 -10.79 -2.86
N7 GDP B . -5.25 -10.03 -3.85
C5 GDP B . -6.01 -10.51 -4.92
C6 GDP B . -6.11 -10.05 -6.23
O6 GDP B . -5.59 -9.06 -6.77
N1 GDP B . -7.01 -10.80 -6.97
C2 GDP B . -7.69 -11.88 -6.50
N2 GDP B . -8.40 -12.56 -7.41
N3 GDP B . -7.63 -12.30 -5.24
C4 GDP B . -6.76 -11.57 -4.51
H5' GDP B . -7.46 -10.99 1.00
H5'' GDP B . -7.02 -12.15 1.91
H4' GDP B . -8.50 -12.91 0.28
H3' GDP B . -6.20 -14.28 0.37
HO3' GDP B . -8.29 -15.02 -0.43
H2' GDP B . -5.24 -13.10 -1.42
HO2' GDP B . -6.32 -15.15 -2.51
H1' GDP B . -7.77 -13.25 -2.77
H8 GDP B . -5.25 -10.71 -1.95
HN1 GDP B . -7.10 -10.54 -7.80
HN21 GDP B . -8.46 -12.32 -8.25
HN22 GDP B . -8.77 -13.33 -7.14
MG MG C . -2.04 -9.98 5.25
C1 EDO D . -13.25 7.32 1.72
O1 EDO D . -13.01 6.16 2.53
C2 EDO D . -14.25 7.01 0.70
O2 EDO D . -15.50 6.72 1.38
H11 EDO D . -12.41 7.59 1.31
H12 EDO D . -13.58 8.05 2.29
HO1 EDO D . -13.73 5.96 2.95
H21 EDO D . -13.97 6.22 0.19
H22 EDO D . -14.39 7.78 0.11
HO2 EDO D . -16.07 6.46 0.79
C4 VU6 E . -2.70 1.45 14.09
N12 VU6 E . -8.13 0.03 11.35
C13 VU6 E . -6.52 -1.68 11.77
C17 VU6 E . -4.44 0.51 11.17
C20 VU6 E . -1.67 0.89 10.91
C21 VU6 E . -3.94 1.76 11.25
C22 VU6 E . -1.99 3.00 12.17
C24 VU6 E . -0.98 4.80 10.68
C26 VU6 E . -2.44 3.00 9.70
C28 VU6 E . -10.77 0.89 11.12
C1 VU6 E . -2.08 2.63 13.56
C11 VU6 E . -9.06 -0.94 11.45
C14 VU6 E . -7.55 -2.59 11.82
C16 VU6 E . -5.83 0.68 11.42
C18 VU6 E . -3.61 -0.68 10.82
C19 VU6 E . -2.34 -0.23 10.13
C2 VU6 E . -1.47 3.56 14.40
C23 VU6 E . -1.32 4.18 12.00
C25 VU6 E . -1.13 3.77 9.56
C27 VU6 E . -2.51 2.17 11.01
C29 VU6 E . -11.91 1.37 11.99
C31 VU6 E . -12.63 -0.97 12.33
C32 VU6 E . -11.52 -1.47 11.43
C33 VU6 E . -11.03 1.12 9.65
C9 VU6 E . -6.85 -0.37 11.51
N10 VU6 E . -10.40 -0.51 11.41
N15 VU6 E . -8.84 -2.25 11.65
N30 VU6 E . -13.04 0.40 11.93
N5 VU6 E . -3.15 0.50 14.53
N6 VU6 E . -1.27 3.48 15.73
N7 VU6 E . -6.14 1.93 11.65
O8 VU6 E . -4.88 2.67 11.53
S3 VU6 E . -0.81 4.88 13.49
H13 VU6 E . -5.60 -1.95 12.01
H20B VU6 E . -1.45 0.53 11.80
H20A VU6 E . -0.79 1.04 10.50
H24A VU6 E . -0.05 5.12 10.71
H24B VU6 E . -1.55 5.56 10.48
H26B VU6 E . -3.18 3.64 9.65
H26A VU6 E . -2.53 2.43 8.91
H28 VU6 E . -10.03 1.48 11.40
H14 VU6 E . -7.38 -3.54 12.00
H18A VU6 E . -4.15 -1.25 10.23
H18B VU6 E . -3.36 -1.21 11.60
H19B VU6 E . -1.72 -0.99 10.07
H19A VU6 E . -2.56 0.08 9.22
H25A VU6 E . -0.35 3.18 9.55
H25B VU6 E . -1.14 4.24 8.70
H29B VU6 E . -11.63 1.44 12.93
H29A VU6 E . -12.26 2.25 11.71
H31A VU6 E . -13.42 -1.54 12.25
H31B VU6 E . -12.34 -0.94 13.26
H32B VU6 E . -11.87 -1.63 10.53
H32A VU6 E . -11.22 -2.32 11.80
H33B VU6 E . -11.66 0.50 9.24
H33C VU6 E . -10.18 1.03 9.14
H33A VU6 E . -11.36 2.02 9.49
H30A VU6 E . -13.40 0.37 11.12
H6B VU6 E . -0.88 4.11 16.21
H6A VU6 E . -1.50 2.76 16.20
H30B VU6 E . -13.69 0.68 12.46
#